data_5F3X
#
_entry.id   5F3X
#
_cell.length_a   124.566
_cell.length_b   124.566
_cell.length_c   49.654
_cell.angle_alpha   90.00
_cell.angle_beta   90.00
_cell.angle_gamma   120.00
#
_symmetry.space_group_name_H-M   'P 32'
#
loop_
_entity.id
_entity.type
_entity.pdbx_description
1 polymer Harmonin
2 polymer 'Ankyrin repeat and SAM domain-containing protein 4B'
3 non-polymer 'CHLORIDE ION'
4 water water
#
loop_
_entity_poly.entity_id
_entity_poly.type
_entity_poly.pdbx_seq_one_letter_code
_entity_poly.pdbx_strand_id
1 'polypeptide(L)'
;GSMDRKVAREFRHKVDFLIENDAEKDYLYDVLRMYHQTMDVAVLVGDLKLVINEPSRLPLFDAIRPLIPLKHQVEYDQLT
PRRSRKLKEVRLDRLHPEGLGLSVRGGLEFGCGLFISHLIKGGQADSVGLQVGDEIVRINGYSISSCTHEEVINLIRTKK
TVSIKVRHIGLIPVKSSPDEPLTWQYVDQFVSESGG
;
A,C
2 'polypeptide(L)'
;GSEEDAVDATPLEVFLQSQHLEEFLPIFMREQIDLEALLLCSDEDLQNIHMQLGPRKKVLSAIDKRKQVLQQPGQLVDTS
L
;
B,D
#
loop_
_chem_comp.id
_chem_comp.type
_chem_comp.name
_chem_comp.formula
CL non-polymer 'CHLORIDE ION' 'Cl -1'
#
# COMPACT_ATOMS: atom_id res chain seq x y z
N MET A 3 -19.37 -41.75 36.04
CA MET A 3 -19.38 -40.57 35.17
C MET A 3 -18.19 -40.58 34.22
N ASP A 4 -17.43 -41.67 34.24
CA ASP A 4 -16.31 -41.81 33.32
C ASP A 4 -16.78 -42.20 31.92
N ARG A 5 -17.73 -43.12 31.83
CA ARG A 5 -18.30 -43.51 30.54
C ARG A 5 -18.91 -42.31 29.82
N LYS A 6 -19.40 -41.32 30.57
CA LYS A 6 -19.89 -40.10 29.94
C LYS A 6 -18.78 -39.39 29.17
N VAL A 7 -17.58 -39.34 29.76
CA VAL A 7 -16.45 -38.69 29.11
C VAL A 7 -16.07 -39.43 27.83
N ALA A 8 -15.94 -40.75 27.92
CA ALA A 8 -15.52 -41.56 26.77
C ALA A 8 -16.48 -41.40 25.61
N ARG A 9 -17.78 -41.55 25.86
CA ARG A 9 -18.79 -41.39 24.82
C ARG A 9 -18.67 -40.03 24.15
N GLU A 10 -18.77 -38.96 24.94
CA GLU A 10 -18.62 -37.60 24.43
C GLU A 10 -17.41 -37.47 23.51
N PHE A 11 -16.25 -37.96 23.98
CA PHE A 11 -15.02 -37.82 23.19
C PHE A 11 -15.06 -38.66 21.92
N ARG A 12 -15.61 -39.86 22.01
CA ARG A 12 -15.60 -40.76 20.85
C ARG A 12 -16.43 -40.20 19.69
N HIS A 13 -17.59 -39.57 20.00
CA HIS A 13 -18.42 -38.99 18.94
C HIS A 13 -17.88 -37.65 18.42
N LYS A 14 -17.25 -36.86 19.28
CA LYS A 14 -16.59 -35.66 18.78
C LYS A 14 -15.39 -36.03 17.90
N VAL A 15 -14.77 -37.19 18.14
CA VAL A 15 -13.75 -37.70 17.23
C VAL A 15 -14.39 -38.16 15.92
N ASP A 16 -15.48 -38.94 16.00
CA ASP A 16 -16.14 -39.40 14.77
C ASP A 16 -16.57 -38.22 13.91
N PHE A 17 -17.03 -37.14 14.53
CA PHE A 17 -17.58 -36.04 13.76
C PHE A 17 -16.50 -35.17 13.12
N LEU A 18 -15.34 -35.05 13.77
CA LEU A 18 -14.31 -34.11 13.33
C LEU A 18 -13.20 -34.76 12.50
N ILE A 19 -13.21 -36.07 12.32
CA ILE A 19 -12.16 -36.77 11.58
C ILE A 19 -12.81 -37.83 10.70
N GLU A 20 -12.65 -37.69 9.38
CA GLU A 20 -13.33 -38.58 8.43
C GLU A 20 -12.66 -39.95 8.33
N ASN A 21 -11.34 -40.00 8.15
CA ASN A 21 -10.66 -41.25 7.83
C ASN A 21 -10.43 -42.09 9.08
N ASP A 22 -10.79 -43.38 9.01
CA ASP A 22 -10.65 -44.26 10.16
C ASP A 22 -9.20 -44.42 10.59
N ALA A 23 -8.26 -44.33 9.64
CA ALA A 23 -6.85 -44.51 9.97
C ALA A 23 -6.32 -43.38 10.85
N GLU A 24 -6.83 -42.16 10.68
CA GLU A 24 -6.42 -41.07 11.57
C GLU A 24 -7.08 -41.20 12.93
N LYS A 25 -8.33 -41.68 12.98
CA LYS A 25 -8.94 -41.97 14.27
C LYS A 25 -8.11 -42.98 15.03
N ASP A 26 -7.87 -44.15 14.42
CA ASP A 26 -7.03 -45.18 15.01
C ASP A 26 -5.71 -44.59 15.51
N TYR A 27 -5.10 -43.73 14.71
CA TYR A 27 -3.86 -43.08 15.12
C TYR A 27 -4.08 -42.24 16.37
N LEU A 28 -5.11 -41.38 16.35
CA LEU A 28 -5.40 -40.54 17.51
C LEU A 28 -5.53 -41.36 18.78
N TYR A 29 -6.34 -42.41 18.75
CA TYR A 29 -6.55 -43.19 19.96
C TYR A 29 -5.26 -43.85 20.41
N ASP A 30 -4.52 -44.43 19.47
CA ASP A 30 -3.20 -45.00 19.79
C ASP A 30 -2.30 -43.95 20.41
N VAL A 31 -2.34 -42.71 19.90
CA VAL A 31 -1.52 -41.62 20.42
C VAL A 31 -1.76 -41.42 21.91
N LEU A 32 -3.00 -41.11 22.29
CA LEU A 32 -3.33 -40.89 23.69
C LEU A 32 -3.09 -42.13 24.53
N ARG A 33 -3.40 -43.30 23.99
CA ARG A 33 -3.13 -44.54 24.70
C ARG A 33 -1.63 -44.72 24.97
N MET A 34 -0.79 -44.41 23.99
CA MET A 34 0.66 -44.49 24.26
C MET A 34 1.02 -43.56 25.40
N TYR A 35 0.54 -42.31 25.33
CA TYR A 35 0.82 -41.35 26.39
C TYR A 35 0.31 -41.83 27.75
N HIS A 36 -0.87 -42.47 27.77
CA HIS A 36 -1.42 -42.99 29.01
C HIS A 36 -0.50 -44.03 29.64
N GLN A 37 0.30 -44.72 28.82
CA GLN A 37 1.35 -45.60 29.34
C GLN A 37 2.66 -44.86 29.65
N THR A 38 3.09 -43.94 28.79
CA THR A 38 4.37 -43.25 28.99
C THR A 38 4.25 -42.12 30.02
N MET A 39 3.11 -41.43 30.03
CA MET A 39 2.94 -40.16 30.74
C MET A 39 3.97 -39.11 30.30
N ASP A 40 4.30 -39.09 29.01
CA ASP A 40 5.15 -38.06 28.43
C ASP A 40 4.24 -37.09 27.68
N VAL A 41 4.06 -35.89 28.24
CA VAL A 41 3.10 -34.95 27.67
C VAL A 41 3.67 -34.15 26.50
N ALA A 42 4.99 -33.91 26.49
CA ALA A 42 5.57 -33.23 25.33
C ALA A 42 5.39 -34.06 24.07
N VAL A 43 5.52 -35.38 24.18
CA VAL A 43 5.29 -36.28 23.06
C VAL A 43 3.81 -36.33 22.68
N LEU A 44 2.92 -36.24 23.66
CA LEU A 44 1.49 -36.31 23.34
C LEU A 44 1.06 -35.13 22.47
N VAL A 45 1.41 -33.91 22.87
CA VAL A 45 1.05 -32.75 22.06
C VAL A 45 1.77 -32.81 20.72
N GLY A 46 3.04 -33.23 20.73
CA GLY A 46 3.76 -33.41 19.48
C GLY A 46 3.13 -34.45 18.58
N ASP A 47 2.58 -35.52 19.16
CA ASP A 47 1.85 -36.49 18.36
C ASP A 47 0.48 -35.96 17.96
N LEU A 48 -0.21 -35.28 18.88
CA LEU A 48 -1.55 -34.77 18.58
C LEU A 48 -1.55 -33.83 17.37
N LYS A 49 -0.53 -32.99 17.24
CA LYS A 49 -0.53 -31.97 16.19
C LYS A 49 -0.49 -32.57 14.78
N LEU A 50 -0.02 -33.81 14.62
CA LEU A 50 0.01 -34.41 13.28
C LEU A 50 -1.35 -34.92 12.83
N VAL A 51 -2.32 -34.92 13.72
CA VAL A 51 -3.68 -35.30 13.40
C VAL A 51 -4.63 -34.12 13.55
N ILE A 52 -4.47 -33.35 14.61
CA ILE A 52 -5.26 -32.15 14.71
C ILE A 52 -4.46 -31.10 13.95
N ASN A 53 -4.70 -31.10 12.63
CA ASN A 53 -3.98 -30.38 11.60
C ASN A 53 -4.78 -29.27 10.93
N GLU A 54 -6.05 -29.08 11.29
CA GLU A 54 -6.91 -28.12 10.61
C GLU A 54 -7.81 -27.47 11.63
N PRO A 55 -8.29 -26.24 11.35
CA PRO A 55 -8.98 -25.48 12.40
C PRO A 55 -10.22 -26.18 12.94
N SER A 56 -10.89 -26.99 12.12
CA SER A 56 -12.10 -27.64 12.59
C SER A 56 -11.80 -28.67 13.68
N ARG A 57 -10.57 -29.21 13.71
CA ARG A 57 -10.20 -30.24 14.68
C ARG A 57 -9.63 -29.68 15.97
N LEU A 58 -9.23 -28.41 15.99
CA LEU A 58 -8.62 -27.81 17.17
C LEU A 58 -9.43 -28.00 18.45
N PRO A 59 -10.77 -28.02 18.44
CA PRO A 59 -11.49 -28.26 19.69
C PRO A 59 -11.13 -29.55 20.39
N LEU A 60 -10.52 -30.52 19.68
CA LEU A 60 -10.09 -31.76 20.34
C LEU A 60 -8.96 -31.54 21.35
N PHE A 61 -8.18 -30.46 21.20
CA PHE A 61 -7.24 -30.12 22.27
C PHE A 61 -7.95 -29.83 23.59
N ASP A 62 -9.12 -29.19 23.53
CA ASP A 62 -9.89 -28.96 24.75
C ASP A 62 -10.59 -30.22 25.23
N ALA A 63 -11.05 -31.08 24.31
CA ALA A 63 -11.68 -32.32 24.73
C ALA A 63 -10.68 -33.25 25.42
N ILE A 64 -9.47 -33.38 24.86
CA ILE A 64 -8.42 -34.17 25.49
C ILE A 64 -8.07 -33.60 26.86
N ARG A 65 -8.10 -32.28 26.98
CA ARG A 65 -7.51 -31.52 28.10
C ARG A 65 -7.94 -31.95 29.49
N PRO A 66 -9.22 -32.16 29.81
CA PRO A 66 -9.57 -32.52 31.19
C PRO A 66 -8.94 -33.83 31.64
N LEU A 67 -8.55 -34.71 30.72
CA LEU A 67 -7.90 -35.96 31.08
C LEU A 67 -6.41 -35.77 31.41
N ILE A 68 -5.83 -34.63 31.06
CA ILE A 68 -4.42 -34.32 31.36
C ILE A 68 -4.26 -34.15 32.86
N PRO A 69 -3.30 -34.82 33.51
CA PRO A 69 -3.04 -34.54 34.93
C PRO A 69 -2.57 -33.10 35.11
N LEU A 70 -2.89 -32.54 36.27
CA LEU A 70 -2.50 -31.16 36.55
C LEU A 70 -0.99 -30.98 36.48
N LYS A 71 -0.23 -32.01 36.87
CA LYS A 71 1.23 -31.91 36.83
C LYS A 71 1.74 -31.65 35.42
N HIS A 72 0.98 -32.06 34.39
CA HIS A 72 1.31 -31.77 33.00
C HIS A 72 0.50 -30.63 32.41
N GLN A 73 -0.41 -30.05 33.18
CA GLN A 73 -1.42 -29.15 32.62
C GLN A 73 -0.77 -27.91 32.00
N VAL A 74 0.24 -27.36 32.67
CA VAL A 74 0.80 -26.09 32.24
C VAL A 74 1.75 -26.26 31.05
N GLU A 75 2.55 -27.34 31.03
CA GLU A 75 3.34 -27.63 29.83
C GLU A 75 2.43 -27.97 28.65
N TYR A 76 1.29 -28.63 28.92
CA TYR A 76 0.29 -28.80 27.88
C TYR A 76 -0.12 -27.46 27.29
N ASP A 77 -0.30 -26.45 28.15
CA ASP A 77 -0.73 -25.14 27.66
C ASP A 77 0.39 -24.42 26.93
N GLN A 78 1.61 -24.51 27.46
CA GLN A 78 2.76 -23.97 26.71
C GLN A 78 2.81 -24.55 25.31
N LEU A 79 2.52 -25.86 25.17
CA LEU A 79 2.64 -26.53 23.89
C LEU A 79 1.40 -26.43 23.02
N THR A 80 0.22 -26.12 23.59
CA THR A 80 -0.90 -26.02 22.66
C THR A 80 -1.05 -24.60 22.15
N PRO A 81 -1.68 -24.41 20.99
CA PRO A 81 -2.14 -23.08 20.60
C PRO A 81 -3.14 -22.56 21.62
N ARG A 82 -3.25 -21.23 21.72
CA ARG A 82 -4.16 -20.69 22.71
C ARG A 82 -5.58 -20.94 22.21
N ARG A 83 -6.32 -21.77 22.94
CA ARG A 83 -7.62 -22.26 22.52
C ARG A 83 -8.75 -21.37 23.00
N SER A 84 -8.41 -20.26 23.65
CA SER A 84 -9.42 -19.31 24.13
C SER A 84 -10.27 -18.81 22.97
N ARG A 85 -11.58 -18.83 23.16
CA ARG A 85 -12.51 -18.40 22.13
C ARG A 85 -12.78 -16.91 22.16
N LYS A 86 -12.14 -16.17 23.07
CA LYS A 86 -12.40 -14.74 23.24
C LYS A 86 -11.96 -13.95 22.01
N LEU A 87 -12.67 -12.85 21.76
CA LEU A 87 -12.45 -12.02 20.58
C LEU A 87 -11.76 -10.71 20.96
N LYS A 88 -10.54 -10.51 20.48
CA LYS A 88 -9.83 -9.25 20.66
C LYS A 88 -10.22 -8.29 19.53
N GLU A 89 -10.64 -7.08 19.90
CA GLU A 89 -11.03 -6.03 18.95
C GLU A 89 -10.02 -4.89 18.99
N VAL A 90 -9.82 -4.25 17.84
CA VAL A 90 -8.65 -3.41 17.60
C VAL A 90 -9.03 -2.30 16.63
N ARG A 91 -8.36 -1.15 16.77
CA ARG A 91 -8.47 -0.05 15.82
C ARG A 91 -7.08 0.39 15.40
N LEU A 92 -6.77 0.30 14.11
CA LEU A 92 -5.48 0.68 13.57
C LEU A 92 -5.58 1.89 12.65
N ASP A 93 -4.54 2.71 12.66
CA ASP A 93 -4.54 4.00 11.98
C ASP A 93 -3.64 3.97 10.75
N ARG A 94 -4.02 4.77 9.75
CA ARG A 94 -3.24 4.89 8.52
C ARG A 94 -1.94 5.64 8.74
N HIS A 96 0.42 6.30 10.62
CA HIS A 96 1.74 5.77 10.92
C HIS A 96 2.53 5.60 9.63
N PRO A 97 3.80 6.04 9.62
CA PRO A 97 4.58 6.00 8.37
C PRO A 97 4.89 4.60 7.88
N GLU A 98 5.06 3.64 8.79
CA GLU A 98 5.31 2.25 8.41
C GLU A 98 4.04 1.43 8.27
N GLY A 99 2.86 2.04 8.43
CA GLY A 99 1.60 1.38 8.11
C GLY A 99 0.98 0.55 9.22
N LEU A 100 0.21 -0.47 8.85
CA LEU A 100 -0.40 -1.35 9.85
C LEU A 100 0.62 -2.32 10.44
N GLY A 101 1.55 -2.80 9.63
CA GLY A 101 2.54 -3.74 10.14
C GLY A 101 2.03 -5.15 10.32
N LEU A 102 1.29 -5.67 9.34
CA LEU A 102 0.88 -7.06 9.34
C LEU A 102 0.76 -7.52 7.89
N SER A 103 0.82 -8.83 7.70
CA SER A 103 0.57 -9.45 6.41
C SER A 103 -0.51 -10.49 6.57
N VAL A 104 -1.27 -10.70 5.50
CA VAL A 104 -2.60 -11.28 5.60
C VAL A 104 -2.82 -12.21 4.41
N ARG A 105 -3.38 -13.40 4.67
CA ARG A 105 -3.57 -14.38 3.62
C ARG A 105 -4.86 -15.16 3.87
N GLY A 106 -5.43 -15.68 2.79
CA GLY A 106 -6.70 -16.37 2.84
C GLY A 106 -7.84 -15.55 2.24
N GLY A 107 -9.02 -16.14 2.21
CA GLY A 107 -10.19 -15.50 1.66
C GLY A 107 -11.14 -16.52 1.05
N LEU A 108 -12.30 -16.01 0.61
CA LEU A 108 -13.39 -16.89 0.20
C LEU A 108 -12.97 -17.81 -0.95
N GLU A 109 -12.20 -17.29 -1.91
CA GLU A 109 -11.86 -18.12 -3.08
C GLU A 109 -11.06 -19.36 -2.70
N PHE A 110 -10.46 -19.38 -1.52
CA PHE A 110 -9.71 -20.51 -0.98
C PHE A 110 -10.50 -21.37 -0.01
N GLY A 111 -11.74 -20.99 0.32
CA GLY A 111 -12.53 -21.73 1.27
C GLY A 111 -11.95 -21.75 2.67
N CYS A 112 -11.26 -20.68 3.06
CA CYS A 112 -10.71 -20.59 4.40
C CYS A 112 -10.73 -19.14 4.81
N GLY A 113 -10.61 -18.91 6.11
CA GLY A 113 -10.70 -17.56 6.61
C GLY A 113 -9.47 -16.73 6.30
N LEU A 114 -9.35 -15.58 6.97
CA LEU A 114 -8.29 -14.63 6.66
C LEU A 114 -7.37 -14.46 7.86
N PHE A 115 -6.11 -14.86 7.70
CA PHE A 115 -5.19 -15.03 8.82
C PHE A 115 -4.03 -14.06 8.73
N ILE A 116 -3.56 -13.63 9.90
CA ILE A 116 -2.37 -12.79 9.98
C ILE A 116 -1.17 -13.74 9.83
N SER A 117 -0.44 -13.60 8.72
CA SER A 117 0.70 -14.47 8.47
C SER A 117 2.04 -13.85 8.82
N HIS A 118 2.11 -12.54 8.99
CA HIS A 118 3.37 -11.87 9.29
C HIS A 118 3.04 -10.67 10.17
N LEU A 119 3.87 -10.46 11.17
CA LEU A 119 3.68 -9.35 12.11
C LEU A 119 5.03 -8.68 12.31
N ILE A 120 5.14 -7.44 11.87
CA ILE A 120 6.41 -6.72 11.96
C ILE A 120 6.63 -6.32 13.41
N LYS A 121 7.74 -6.77 13.99
CA LYS A 121 8.00 -6.54 15.41
C LYS A 121 8.11 -5.04 15.68
N GLY A 122 7.34 -4.57 16.66
CA GLY A 122 7.35 -3.17 17.03
C GLY A 122 6.41 -2.29 16.22
N GLY A 123 5.82 -2.80 15.15
CA GLY A 123 4.87 -2.05 14.38
C GLY A 123 3.56 -1.84 15.12
N GLN A 124 2.60 -1.25 14.42
CA GLN A 124 1.35 -0.86 15.07
C GLN A 124 0.51 -2.08 15.43
N ALA A 125 0.46 -3.08 14.55
CA ALA A 125 -0.29 -4.29 14.87
C ALA A 125 0.27 -4.96 16.13
N ASP A 126 1.59 -4.95 16.29
CA ASP A 126 2.17 -5.53 17.49
C ASP A 126 1.98 -4.62 18.69
N SER A 127 2.01 -3.30 18.48
CA SER A 127 1.70 -2.36 19.55
C SER A 127 0.39 -2.73 20.23
N VAL A 128 -0.60 -3.18 19.46
CA VAL A 128 -1.95 -3.39 19.94
C VAL A 128 -2.23 -4.85 20.31
N GLY A 129 -1.28 -5.76 20.08
CA GLY A 129 -1.41 -7.11 20.57
C GLY A 129 -1.97 -8.14 19.60
N LEU A 130 -2.09 -7.81 18.32
CA LEU A 130 -2.35 -8.83 17.31
C LEU A 130 -1.13 -9.74 17.17
N GLN A 131 -1.36 -10.96 16.70
CA GLN A 131 -0.32 -11.97 16.65
C GLN A 131 -0.46 -12.82 15.40
N VAL A 132 0.67 -13.35 14.93
CA VAL A 132 0.65 -14.28 13.79
C VAL A 132 -0.12 -15.53 14.17
N GLY A 133 -1.12 -15.87 13.36
CA GLY A 133 -2.03 -16.96 13.66
C GLY A 133 -3.39 -16.53 14.16
N ASP A 134 -3.64 -15.23 14.28
CA ASP A 134 -4.99 -14.74 14.50
C ASP A 134 -5.79 -14.88 13.22
N GLU A 135 -7.03 -15.37 13.34
CA GLU A 135 -7.97 -15.24 12.25
C GLU A 135 -8.67 -13.91 12.38
N ILE A 136 -8.58 -13.08 11.34
CA ILE A 136 -9.32 -11.82 11.33
C ILE A 136 -10.77 -12.19 11.03
N VAL A 137 -11.64 -12.01 12.02
CA VAL A 137 -13.04 -12.41 11.86
C VAL A 137 -13.88 -11.29 11.28
N ARG A 138 -13.63 -10.06 11.72
CA ARG A 138 -14.44 -8.93 11.35
C ARG A 138 -13.57 -7.75 10.96
N ILE A 139 -14.12 -6.89 10.11
CA ILE A 139 -13.47 -5.62 9.74
C ILE A 139 -14.53 -4.55 9.64
N ASN A 140 -14.28 -3.41 10.29
CA ASN A 140 -15.19 -2.28 10.28
C ASN A 140 -16.59 -2.72 10.69
N GLY A 141 -16.66 -3.71 11.58
CA GLY A 141 -17.90 -4.27 12.05
C GLY A 141 -18.53 -5.34 11.18
N TYR A 142 -18.00 -5.61 9.99
CA TYR A 142 -18.60 -6.57 9.07
C TYR A 142 -17.90 -7.93 9.14
N SER A 143 -18.68 -9.00 9.19
CA SER A 143 -18.11 -10.33 8.95
C SER A 143 -17.56 -10.39 7.53
N ILE A 144 -16.37 -10.99 7.38
CA ILE A 144 -15.72 -11.07 6.09
C ILE A 144 -15.91 -12.42 5.39
N SER A 145 -16.80 -13.27 5.90
CA SER A 145 -16.86 -14.65 5.43
C SER A 145 -17.23 -14.78 3.93
N SER A 146 -17.87 -13.77 3.35
CA SER A 146 -18.23 -13.83 1.94
C SER A 146 -17.27 -13.04 1.04
N CYS A 147 -16.21 -12.49 1.60
CA CYS A 147 -15.28 -11.64 0.89
C CYS A 147 -14.15 -12.44 0.28
N THR A 148 -13.90 -12.22 -1.01
CA THR A 148 -12.64 -12.66 -1.58
C THR A 148 -11.50 -11.89 -0.92
N HIS A 149 -10.29 -12.42 -1.08
CA HIS A 149 -9.10 -11.79 -0.52
C HIS A 149 -8.99 -10.31 -0.93
N GLU A 150 -9.11 -10.00 -2.24
CA GLU A 150 -8.94 -8.62 -2.66
C GLU A 150 -10.06 -7.73 -2.10
N GLU A 151 -11.27 -8.29 -1.96
CA GLU A 151 -12.37 -7.53 -1.36
C GLU A 151 -12.04 -7.10 0.07
N VAL A 152 -11.43 -7.99 0.86
CA VAL A 152 -11.09 -7.66 2.23
C VAL A 152 -10.06 -6.55 2.27
N ILE A 153 -9.01 -6.69 1.47
CA ILE A 153 -8.00 -5.64 1.37
C ILE A 153 -8.65 -4.31 1.00
N ASN A 154 -9.59 -4.35 0.05
CA ASN A 154 -10.38 -3.15 -0.29
C ASN A 154 -11.12 -2.63 0.94
N LEU A 155 -11.80 -3.52 1.66
CA LEU A 155 -12.62 -3.09 2.78
C LEU A 155 -11.76 -2.47 3.87
N ILE A 156 -10.56 -3.01 4.10
CA ILE A 156 -9.64 -2.46 5.08
C ILE A 156 -9.22 -1.05 4.71
N ARG A 157 -9.11 -0.76 3.41
CA ARG A 157 -8.57 0.51 2.96
C ARG A 157 -9.64 1.56 2.73
N THR A 158 -10.91 1.27 3.04
CA THR A 158 -11.99 2.21 2.72
C THR A 158 -11.93 3.49 3.56
N LYS A 159 -11.44 3.43 4.80
CA LYS A 159 -11.56 4.55 5.73
C LYS A 159 -10.18 4.93 6.25
N LYS A 160 -10.17 5.92 7.16
CA LYS A 160 -8.91 6.41 7.73
C LYS A 160 -8.28 5.38 8.66
N THR A 161 -9.08 4.82 9.56
CA THR A 161 -8.66 3.74 10.43
C THR A 161 -9.42 2.48 10.06
N VAL A 162 -9.08 1.36 10.71
CA VAL A 162 -9.72 0.09 10.42
C VAL A 162 -9.98 -0.64 11.73
N SER A 163 -11.23 -1.04 11.93
CA SER A 163 -11.60 -1.88 13.06
C SER A 163 -11.35 -3.35 12.73
N ILE A 164 -10.64 -4.04 13.61
CA ILE A 164 -10.28 -5.44 13.40
C ILE A 164 -10.63 -6.20 14.66
N LYS A 165 -11.42 -7.26 14.52
CA LYS A 165 -11.66 -8.18 15.62
C LYS A 165 -11.16 -9.55 15.22
N VAL A 166 -10.28 -10.14 16.04
CA VAL A 166 -9.65 -11.42 15.73
C VAL A 166 -10.01 -12.45 16.79
N ARG A 167 -9.95 -13.70 16.37
CA ARG A 167 -10.08 -14.86 17.23
C ARG A 167 -8.80 -15.67 17.06
N HIS A 168 -8.15 -16.00 18.15
CA HIS A 168 -6.85 -16.63 18.04
C HIS A 168 -7.02 -18.10 17.67
N ILE A 169 -6.46 -18.49 16.53
CA ILE A 169 -6.56 -19.85 16.02
C ILE A 169 -5.26 -20.59 16.28
N GLY A 170 -4.15 -20.08 15.76
CA GLY A 170 -2.86 -20.72 15.91
C GLY A 170 -2.41 -21.55 14.73
N LEU A 171 -3.11 -21.46 13.60
CA LEU A 171 -2.76 -22.17 12.39
C LEU A 171 -2.70 -21.18 11.23
N ILE A 172 -1.90 -21.51 10.22
CA ILE A 172 -1.77 -20.64 9.05
C ILE A 172 -2.12 -21.47 7.83
N PRO A 173 -2.87 -20.95 6.88
CA PRO A 173 -3.16 -21.73 5.68
C PRO A 173 -1.99 -21.72 4.71
N VAL A 174 -1.70 -22.88 4.13
CA VAL A 174 -0.60 -23.04 3.18
C VAL A 174 -1.14 -23.75 1.95
N LYS A 175 -1.03 -23.08 0.82
CA LYS A 175 -1.11 -23.69 -0.50
C LYS A 175 -0.11 -22.94 -1.36
N SER A 176 0.97 -23.59 -1.79
CA SER A 176 2.09 -22.79 -2.26
C SER A 176 2.08 -22.54 -3.77
N SER A 177 1.07 -23.05 -4.50
CA SER A 177 0.73 -22.75 -5.89
C SER A 177 -0.53 -23.50 -6.28
N PRO A 178 -1.21 -23.17 -7.40
CA PRO A 178 -2.63 -23.55 -7.54
C PRO A 178 -2.89 -25.04 -7.52
N ASP A 179 -1.93 -25.83 -7.97
CA ASP A 179 -2.06 -27.28 -8.00
C ASP A 179 -2.33 -27.88 -6.62
N GLU A 180 -1.91 -27.27 -5.65
CA GLU A 180 -1.79 -27.93 -4.35
C GLU A 180 -3.08 -27.77 -3.52
N PRO A 181 -3.47 -28.83 -2.82
CA PRO A 181 -4.60 -28.71 -1.89
C PRO A 181 -4.22 -27.87 -0.69
N LEU A 182 -5.17 -27.08 -0.22
CA LEU A 182 -4.92 -26.24 0.94
C LEU A 182 -4.80 -27.09 2.20
N THR A 183 -3.72 -26.86 2.95
CA THR A 183 -3.51 -27.50 4.24
C THR A 183 -3.07 -26.44 5.25
N TRP A 184 -2.71 -26.88 6.46
CA TRP A 184 -2.50 -25.96 7.57
C TRP A 184 -1.21 -26.29 8.32
N GLN A 185 -0.61 -25.25 8.91
CA GLN A 185 0.59 -25.40 9.70
C GLN A 185 0.52 -24.56 10.96
N TYR A 186 1.14 -25.05 12.03
CA TYR A 186 1.27 -24.28 13.25
C TYR A 186 2.22 -23.11 13.03
N VAL A 187 2.12 -22.12 13.91
CA VAL A 187 2.77 -20.83 13.67
C VAL A 187 4.28 -20.97 13.73
N ASP A 188 4.80 -21.67 14.75
CA ASP A 188 6.23 -21.70 14.96
C ASP A 188 6.96 -22.30 13.76
N GLN A 189 6.29 -23.20 13.02
CA GLN A 189 6.88 -23.80 11.84
C GLN A 189 6.75 -22.89 10.62
N PHE A 190 5.60 -22.25 10.46
CA PHE A 190 5.29 -21.55 9.23
C PHE A 190 6.27 -20.40 8.94
N VAL A 191 6.90 -19.85 9.98
CA VAL A 191 7.65 -18.59 9.86
C VAL A 191 8.71 -18.68 8.76
N SER A 192 9.34 -19.85 8.61
CA SER A 192 10.41 -20.05 7.64
C SER A 192 9.93 -19.90 6.19
N VAL B 7 -27.93 -8.69 13.72
CA VAL B 7 -27.74 -9.64 12.62
C VAL B 7 -26.77 -9.07 11.58
N ASP B 8 -26.14 -9.97 10.84
CA ASP B 8 -25.06 -9.62 9.93
C ASP B 8 -25.58 -8.88 8.70
N ALA B 9 -24.67 -8.17 8.05
CA ALA B 9 -24.94 -7.64 6.72
C ALA B 9 -24.98 -8.78 5.72
N THR B 10 -25.88 -8.66 4.74
CA THR B 10 -25.94 -9.58 3.62
C THR B 10 -24.62 -9.54 2.85
N PRO B 11 -24.29 -10.61 2.13
CA PRO B 11 -23.06 -10.59 1.31
C PRO B 11 -23.02 -9.43 0.30
N LEU B 12 -24.19 -9.06 -0.25
CA LEU B 12 -24.28 -7.88 -1.09
C LEU B 12 -23.80 -6.63 -0.36
N GLU B 13 -24.26 -6.44 0.89
CA GLU B 13 -23.90 -5.22 1.59
C GLU B 13 -22.39 -5.13 1.80
N VAL B 14 -21.79 -6.18 2.37
CA VAL B 14 -20.33 -6.18 2.58
C VAL B 14 -19.64 -5.92 1.26
N PHE B 15 -20.10 -6.59 0.20
CA PHE B 15 -19.55 -6.40 -1.14
C PHE B 15 -19.52 -4.92 -1.51
N LEU B 16 -20.70 -4.27 -1.61
CA LEU B 16 -20.73 -2.84 -1.94
C LEU B 16 -19.88 -2.02 -0.98
N GLN B 17 -19.93 -2.35 0.30
CA GLN B 17 -19.16 -1.62 1.30
C GLN B 17 -17.67 -1.63 0.96
N SER B 18 -17.13 -2.81 0.67
CA SER B 18 -15.73 -2.95 0.28
C SER B 18 -15.35 -2.07 -0.92
N GLN B 19 -16.31 -1.77 -1.81
CA GLN B 19 -16.02 -1.10 -3.08
C GLN B 19 -16.31 0.39 -3.07
N HIS B 20 -16.71 0.96 -1.94
CA HIS B 20 -17.22 2.33 -1.85
C HIS B 20 -18.53 2.51 -2.60
N LEU B 21 -19.25 1.43 -2.81
CA LEU B 21 -20.49 1.46 -3.57
C LEU B 21 -21.72 1.44 -2.68
N GLU B 22 -21.53 1.59 -1.37
CA GLU B 22 -22.62 1.45 -0.41
C GLU B 22 -23.81 2.32 -0.74
N GLU B 23 -23.59 3.43 -1.45
CA GLU B 23 -24.72 4.29 -1.78
C GLU B 23 -25.77 3.60 -2.64
N PHE B 24 -25.45 2.47 -3.25
CA PHE B 24 -26.41 1.78 -4.13
C PHE B 24 -27.19 0.67 -3.43
N LEU B 25 -26.93 0.41 -2.15
CA LEU B 25 -27.70 -0.61 -1.46
C LEU B 25 -29.20 -0.33 -1.45
N PRO B 26 -29.69 0.90 -1.23
CA PRO B 26 -31.14 1.09 -1.29
C PRO B 26 -31.76 0.89 -2.67
N ILE B 27 -31.05 1.18 -3.78
CA ILE B 27 -31.63 0.93 -5.10
C ILE B 27 -31.57 -0.56 -5.44
N PHE B 28 -30.46 -1.24 -5.12
CA PHE B 28 -30.42 -2.67 -5.37
C PHE B 28 -31.51 -3.41 -4.61
N MET B 29 -31.84 -2.94 -3.41
CA MET B 29 -32.86 -3.65 -2.66
C MET B 29 -34.25 -3.40 -3.24
N ARG B 30 -34.53 -2.18 -3.69
CA ARG B 30 -35.83 -1.92 -4.28
C ARG B 30 -36.02 -2.75 -5.55
N GLU B 31 -34.92 -3.00 -6.28
CA GLU B 31 -34.98 -3.85 -7.46
C GLU B 31 -34.83 -5.33 -7.11
N GLN B 32 -34.75 -5.66 -5.82
CA GLN B 32 -34.64 -7.04 -5.33
C GLN B 32 -33.41 -7.72 -5.90
N ILE B 33 -32.30 -7.01 -5.87
CA ILE B 33 -31.04 -7.49 -6.39
C ILE B 33 -30.19 -7.97 -5.22
N ASP B 34 -30.10 -9.29 -5.03
CA ASP B 34 -29.13 -9.78 -4.08
C ASP B 34 -27.78 -9.88 -4.79
N LEU B 35 -26.73 -10.34 -4.08
CA LEU B 35 -25.45 -10.47 -4.77
C LEU B 35 -25.54 -11.52 -5.86
N GLU B 36 -26.37 -12.54 -5.66
CA GLU B 36 -26.61 -13.51 -6.71
C GLU B 36 -27.04 -12.83 -8.00
N ALA B 37 -28.08 -11.98 -7.92
CA ALA B 37 -28.61 -11.33 -9.08
C ALA B 37 -27.64 -10.30 -9.63
N LEU B 38 -26.88 -9.64 -8.75
CA LEU B 38 -25.94 -8.62 -9.18
C LEU B 38 -24.94 -9.19 -10.19
N LEU B 39 -24.40 -10.38 -9.91
CA LEU B 39 -23.42 -10.98 -10.82
C LEU B 39 -24.04 -11.39 -12.15
N LEU B 40 -25.37 -11.50 -12.23
CA LEU B 40 -26.08 -11.75 -13.48
C LEU B 40 -26.35 -10.47 -14.29
N CYS B 41 -25.85 -9.31 -13.82
CA CYS B 41 -26.16 -8.03 -14.43
C CYS B 41 -25.10 -7.61 -15.45
N SER B 42 -25.57 -7.03 -16.53
CA SER B 42 -24.69 -6.49 -17.54
C SER B 42 -24.58 -4.98 -17.38
N ASP B 43 -23.65 -4.41 -18.16
CA ASP B 43 -23.65 -2.96 -18.26
C ASP B 43 -25.04 -2.43 -18.61
N GLU B 44 -25.75 -3.11 -19.54
CA GLU B 44 -27.04 -2.54 -19.91
C GLU B 44 -28.09 -2.76 -18.83
N ASP B 45 -28.02 -3.87 -18.10
CA ASP B 45 -28.89 -4.05 -16.93
C ASP B 45 -28.74 -2.87 -15.96
N LEU B 46 -27.49 -2.47 -15.69
CA LEU B 46 -27.27 -1.42 -14.71
C LEU B 46 -27.60 -0.04 -15.25
N GLN B 47 -27.52 0.14 -16.59
CA GLN B 47 -28.05 1.35 -17.20
C GLN B 47 -29.57 1.43 -17.04
N ASN B 48 -30.24 0.28 -17.00
CA ASN B 48 -31.69 0.31 -16.91
C ASN B 48 -32.16 0.86 -15.56
N ILE B 49 -31.39 0.64 -14.50
CA ILE B 49 -31.75 1.18 -13.20
C ILE B 49 -31.05 2.51 -12.97
N HIS B 50 -30.52 3.11 -14.05
CA HIS B 50 -30.00 4.49 -14.04
C HIS B 50 -28.74 4.64 -13.19
N MET B 51 -27.86 3.64 -13.24
CA MET B 51 -26.51 3.79 -12.70
C MET B 51 -25.65 4.48 -13.75
N GLN B 52 -24.93 5.51 -13.36
CA GLN B 52 -24.17 6.23 -14.37
C GLN B 52 -22.84 5.52 -14.64
N LEU B 53 -22.14 6.00 -15.66
CA LEU B 53 -21.04 5.23 -16.24
C LEU B 53 -19.95 4.94 -15.20
N GLY B 54 -19.60 5.93 -14.38
CA GLY B 54 -18.54 5.78 -13.42
C GLY B 54 -18.75 4.60 -12.49
N PRO B 55 -19.87 4.58 -11.77
CA PRO B 55 -20.08 3.44 -10.85
C PRO B 55 -20.38 2.16 -11.57
N ARG B 56 -20.95 2.21 -12.78
CA ARG B 56 -21.13 0.99 -13.56
C ARG B 56 -19.79 0.28 -13.76
N LYS B 57 -18.77 1.03 -14.18
CA LYS B 57 -17.45 0.44 -14.39
C LYS B 57 -16.86 -0.12 -13.10
N LYS B 58 -17.01 0.61 -11.99
CA LYS B 58 -16.47 0.12 -10.72
C LYS B 58 -17.19 -1.15 -10.28
N VAL B 59 -18.52 -1.16 -10.35
CA VAL B 59 -19.29 -2.37 -10.03
C VAL B 59 -18.85 -3.53 -10.92
N LEU B 60 -18.78 -3.32 -12.23
CA LEU B 60 -18.53 -4.48 -13.09
C LEU B 60 -17.10 -4.95 -12.96
N SER B 61 -16.17 -4.03 -12.73
CA SER B 61 -14.81 -4.42 -12.42
C SER B 61 -14.79 -5.35 -11.22
N ALA B 62 -15.48 -4.95 -10.15
CA ALA B 62 -15.48 -5.74 -8.91
C ALA B 62 -16.16 -7.09 -9.12
N ILE B 63 -17.25 -7.10 -9.89
CA ILE B 63 -17.95 -8.36 -10.18
C ILE B 63 -17.05 -9.30 -10.95
N ASP B 64 -16.25 -8.76 -11.84
CA ASP B 64 -15.45 -9.62 -12.70
C ASP B 64 -14.22 -10.17 -11.96
N LYS B 65 -13.60 -9.33 -11.14
CA LYS B 65 -12.53 -9.80 -10.27
C LYS B 65 -13.01 -10.97 -9.41
N ARG B 66 -14.21 -10.84 -8.84
CA ARG B 66 -14.76 -11.89 -7.97
C ARG B 66 -15.11 -13.15 -8.75
N LYS B 67 -15.74 -13.02 -9.91
CA LYS B 67 -16.08 -14.20 -10.70
C LYS B 67 -14.81 -14.98 -11.06
N GLN B 68 -13.72 -14.26 -11.31
CA GLN B 68 -12.50 -14.90 -11.77
C GLN B 68 -11.81 -15.67 -10.65
N VAL B 69 -11.63 -15.04 -9.48
CA VAL B 69 -10.90 -15.73 -8.42
C VAL B 69 -11.72 -16.83 -7.79
N LEU B 70 -13.07 -16.74 -7.85
CA LEU B 70 -13.87 -17.89 -7.43
C LEU B 70 -13.66 -19.08 -8.37
N GLN B 71 -13.43 -18.83 -9.66
CA GLN B 71 -13.18 -19.93 -10.59
C GLN B 71 -11.72 -20.39 -10.54
N GLN B 72 -10.76 -19.45 -10.49
CA GLN B 72 -9.33 -19.78 -10.40
C GLN B 72 -8.74 -19.09 -9.17
N PRO B 73 -8.77 -19.73 -8.02
CA PRO B 73 -8.20 -19.09 -6.81
C PRO B 73 -6.71 -18.83 -6.92
N GLY B 74 -5.95 -19.72 -7.56
CA GLY B 74 -4.50 -19.58 -7.51
C GLY B 74 -3.94 -19.93 -6.14
N GLN B 75 -2.67 -19.59 -5.95
CA GLN B 75 -1.98 -19.83 -4.70
C GLN B 75 -2.39 -18.79 -3.66
N LEU B 76 -2.25 -19.19 -2.39
CA LEU B 76 -2.32 -18.24 -1.28
C LEU B 76 -1.18 -17.23 -1.35
N VAL B 77 -1.53 -15.96 -1.18
CA VAL B 77 -0.63 -14.82 -1.29
C VAL B 77 -0.66 -14.03 0.02
N ASP B 78 0.49 -13.45 0.39
CA ASP B 78 0.60 -12.56 1.55
C ASP B 78 0.51 -11.10 1.11
N THR B 79 -0.55 -10.41 1.55
CA THR B 79 -0.70 -8.97 1.31
C THR B 79 -0.16 -8.23 2.52
N SER B 80 0.91 -7.47 2.31
CA SER B 80 1.51 -6.66 3.37
C SER B 80 0.69 -5.38 3.56
N LEU B 81 0.32 -5.10 4.80
CA LEU B 81 -0.40 -3.88 5.13
C LEU B 81 0.39 -2.97 6.09
N ASP C 4 17.24 23.94 25.65
CA ASP C 4 18.54 23.29 25.65
C ASP C 4 18.41 21.79 25.36
N ARG C 5 17.86 21.04 26.32
CA ARG C 5 17.42 19.69 26.03
C ARG C 5 16.24 19.68 25.08
N LYS C 6 15.53 20.81 24.94
CA LYS C 6 14.47 20.91 23.95
C LYS C 6 15.02 20.69 22.55
N VAL C 7 16.17 21.29 22.25
CA VAL C 7 16.74 21.19 20.90
C VAL C 7 17.15 19.76 20.59
N ALA C 8 17.78 19.08 21.56
CA ALA C 8 18.25 17.71 21.32
C ALA C 8 17.08 16.79 21.01
N ARG C 9 16.00 16.91 21.79
CA ARG C 9 14.82 16.07 21.57
C ARG C 9 14.22 16.30 20.19
N GLU C 10 13.94 17.56 19.85
CA GLU C 10 13.41 17.87 18.52
C GLU C 10 14.27 17.29 17.42
N PHE C 11 15.60 17.39 17.56
CA PHE C 11 16.49 16.86 16.53
C PHE C 11 16.45 15.34 16.48
N ARG C 12 16.50 14.68 17.64
CA ARG C 12 16.56 13.23 17.69
C ARG C 12 15.32 12.60 17.07
N HIS C 13 14.13 13.14 17.37
CA HIS C 13 12.90 12.59 16.78
C HIS C 13 12.77 12.94 15.30
N LYS C 14 13.23 14.12 14.90
CA LYS C 14 13.21 14.46 13.48
C LYS C 14 14.18 13.59 12.68
N VAL C 15 15.27 13.13 13.32
CA VAL C 15 16.16 12.17 12.66
C VAL C 15 15.52 10.78 12.61
N ASP C 16 14.87 10.37 13.71
CA ASP C 16 14.19 9.08 13.70
C ASP C 16 13.12 9.02 12.62
N PHE C 17 12.43 10.13 12.38
CA PHE C 17 11.33 10.12 11.42
C PHE C 17 11.82 10.13 9.98
N LEU C 18 12.97 10.77 9.72
CA LEU C 18 13.43 10.98 8.36
C LEU C 18 14.50 9.99 7.88
N ILE C 19 14.94 9.06 8.73
CA ILE C 19 16.01 8.13 8.35
C ILE C 19 15.65 6.75 8.90
N GLU C 20 15.55 5.77 8.01
CA GLU C 20 14.99 4.45 8.36
C GLU C 20 15.97 3.61 9.20
N ASN C 21 17.08 3.20 8.60
CA ASN C 21 17.95 2.21 9.24
C ASN C 21 18.90 2.86 10.24
N ASP C 22 19.19 2.11 11.31
CA ASP C 22 19.97 2.65 12.42
C ASP C 22 21.39 3.02 12.00
N ALA C 23 21.92 2.37 10.96
CA ALA C 23 23.32 2.58 10.58
C ALA C 23 23.54 3.99 10.03
N GLU C 24 22.58 4.53 9.30
CA GLU C 24 22.72 5.90 8.81
C GLU C 24 22.53 6.92 9.91
N LYS C 25 21.64 6.65 10.87
CA LYS C 25 21.53 7.52 12.04
C LYS C 25 22.86 7.58 12.77
N ASP C 26 23.37 6.42 13.18
CA ASP C 26 24.66 6.35 13.87
C ASP C 26 25.74 7.12 13.12
N TYR C 27 25.79 6.97 11.79
CA TYR C 27 26.74 7.73 10.99
C TYR C 27 26.49 9.22 11.14
N LEU C 28 25.22 9.64 11.01
CA LEU C 28 24.88 11.05 11.13
C LEU C 28 25.32 11.59 12.48
N TYR C 29 24.94 10.92 13.56
CA TYR C 29 25.32 11.40 14.89
C TYR C 29 26.83 11.45 15.03
N ASP C 30 27.54 10.42 14.55
CA ASP C 30 29.00 10.44 14.60
C ASP C 30 29.57 11.58 13.79
N VAL C 31 28.96 11.88 12.64
CA VAL C 31 29.44 12.96 11.78
C VAL C 31 29.45 14.28 12.52
N LEU C 32 28.30 14.65 13.13
CA LEU C 32 28.22 15.90 13.86
C LEU C 32 29.08 15.87 15.12
N ARG C 33 29.20 14.70 15.75
CA ARG C 33 30.11 14.55 16.88
C ARG C 33 31.55 14.87 16.46
N MET C 34 32.00 14.39 15.30
CA MET C 34 33.36 14.65 14.86
C MET C 34 33.54 16.09 14.39
N TYR C 35 32.45 16.77 14.03
CA TYR C 35 32.54 18.21 13.77
C TYR C 35 32.67 18.99 15.07
N HIS C 36 31.92 18.60 16.09
CA HIS C 36 31.92 19.32 17.36
C HIS C 36 33.29 19.27 18.02
N GLN C 37 34.09 18.23 17.73
CA GLN C 37 35.46 18.20 18.21
C GLN C 37 36.40 19.02 17.33
N THR C 38 36.34 18.81 16.01
CA THR C 38 37.29 19.45 15.10
C THR C 38 36.87 20.87 14.70
N MET C 39 35.57 21.13 14.63
CA MET C 39 35.01 22.40 14.19
C MET C 39 35.43 22.75 12.76
N ASP C 40 35.45 21.75 11.88
CA ASP C 40 35.66 21.97 10.45
C ASP C 40 34.32 21.87 9.76
N VAL C 41 33.80 23.02 9.30
CA VAL C 41 32.44 23.02 8.75
C VAL C 41 32.42 22.53 7.30
N ALA C 42 33.51 22.70 6.55
CA ALA C 42 33.51 22.20 5.17
C ALA C 42 33.41 20.69 5.15
N VAL C 43 34.09 20.02 6.09
CA VAL C 43 33.96 18.58 6.24
C VAL C 43 32.59 18.19 6.76
N LEU C 44 31.98 19.03 7.59
CA LEU C 44 30.65 18.74 8.09
C LEU C 44 29.64 18.60 6.96
N VAL C 45 29.53 19.62 6.12
CA VAL C 45 28.56 19.59 5.02
C VAL C 45 28.92 18.49 4.03
N GLY C 46 30.21 18.32 3.76
CA GLY C 46 30.64 17.22 2.91
C GLY C 46 30.27 15.86 3.48
N ASP C 47 30.41 15.69 4.79
CA ASP C 47 29.93 14.47 5.44
C ASP C 47 28.41 14.40 5.40
N LEU C 48 27.74 15.52 5.69
CA LEU C 48 26.28 15.53 5.78
C LEU C 48 25.60 15.15 4.47
N LYS C 49 26.20 15.49 3.32
CA LYS C 49 25.57 15.16 2.05
C LYS C 49 25.46 13.66 1.83
N LEU C 50 26.29 12.86 2.49
CA LEU C 50 26.20 11.40 2.33
C LEU C 50 25.04 10.78 3.08
N VAL C 51 24.51 11.47 4.09
CA VAL C 51 23.25 11.09 4.73
C VAL C 51 22.08 11.78 4.06
N ILE C 52 22.16 13.11 3.97
CA ILE C 52 21.02 13.81 3.42
C ILE C 52 21.19 13.69 1.92
N ASN C 53 20.68 12.58 1.39
CA ASN C 53 20.80 12.20 0.01
C ASN C 53 19.48 12.23 -0.76
N GLU C 54 18.37 12.61 -0.15
CA GLU C 54 17.08 12.58 -0.83
C GLU C 54 16.25 13.73 -0.34
N PRO C 55 15.30 14.22 -1.16
CA PRO C 55 14.56 15.45 -0.78
C PRO C 55 13.86 15.34 0.56
N SER C 56 13.36 14.15 0.91
CA SER C 56 12.72 13.96 2.21
C SER C 56 13.63 14.38 3.36
N ARG C 57 14.96 14.20 3.20
CA ARG C 57 15.90 14.41 4.29
C ARG C 57 16.43 15.84 4.39
N LEU C 58 16.25 16.65 3.34
CA LEU C 58 16.82 18.00 3.29
C LEU C 58 16.49 18.89 4.49
N PRO C 59 15.31 18.78 5.11
CA PRO C 59 15.05 19.58 6.33
C PRO C 59 16.11 19.47 7.41
N LEU C 60 16.88 18.38 7.43
CA LEU C 60 17.92 18.21 8.44
C LEU C 60 19.02 19.26 8.34
N PHE C 61 19.24 19.83 7.13
CA PHE C 61 20.16 20.96 7.03
C PHE C 61 19.69 22.13 7.88
N ASP C 62 18.37 22.36 7.93
CA ASP C 62 17.86 23.43 8.77
C ASP C 62 17.84 23.04 10.23
N ALA C 63 17.54 21.77 10.53
CA ALA C 63 17.55 21.34 11.92
C ALA C 63 18.94 21.43 12.52
N ILE C 64 19.95 21.03 11.76
CA ILE C 64 21.33 21.12 12.21
C ILE C 64 21.72 22.58 12.44
N ARG C 65 21.26 23.46 11.56
CA ARG C 65 21.93 24.75 11.34
C ARG C 65 21.95 25.70 12.54
N PRO C 66 20.89 25.83 13.36
CA PRO C 66 21.00 26.70 14.54
C PRO C 66 22.18 26.37 15.45
N LEU C 67 22.70 25.14 15.40
CA LEU C 67 23.86 24.79 16.20
C LEU C 67 25.18 25.24 15.59
N ILE C 68 25.19 25.65 14.32
CA ILE C 68 26.40 26.11 13.62
C ILE C 68 26.85 27.46 14.17
N PRO C 69 28.10 27.62 14.58
CA PRO C 69 28.60 28.95 14.94
C PRO C 69 28.41 29.94 13.80
N LEU C 70 28.12 31.19 14.16
CA LEU C 70 28.01 32.25 13.16
C LEU C 70 29.27 32.36 12.32
N LYS C 71 30.44 32.15 12.94
CA LYS C 71 31.70 32.15 12.21
C LYS C 71 31.71 31.11 11.08
N HIS C 72 30.90 30.05 11.19
CA HIS C 72 30.76 29.06 10.14
C HIS C 72 29.48 29.18 9.33
N GLN C 73 28.59 30.12 9.65
CA GLN C 73 27.27 30.13 9.03
C GLN C 73 27.34 30.40 7.53
N VAL C 74 28.20 31.34 7.13
CA VAL C 74 28.24 31.77 5.73
C VAL C 74 28.83 30.68 4.84
N GLU C 75 29.91 30.03 5.28
CA GLU C 75 30.44 28.90 4.52
C GLU C 75 29.46 27.72 4.54
N TYR C 76 28.75 27.52 5.65
CA TYR C 76 27.73 26.48 5.70
C TYR C 76 26.67 26.72 4.64
N ASP C 77 26.21 27.97 4.53
CA ASP C 77 25.17 28.30 3.56
C ASP C 77 25.70 28.28 2.13
N GLN C 78 26.96 28.69 1.93
CA GLN C 78 27.56 28.51 0.62
C GLN C 78 27.58 27.03 0.21
N LEU C 79 27.78 26.13 1.19
CA LEU C 79 27.89 24.71 0.89
C LEU C 79 26.54 23.98 0.95
N THR C 80 25.50 24.58 1.50
CA THR C 80 24.23 23.87 1.47
C THR C 80 23.45 24.21 0.21
N PRO C 81 22.55 23.31 -0.20
CA PRO C 81 21.54 23.72 -1.18
C PRO C 81 20.64 24.81 -0.61
N ARG C 82 20.20 25.70 -1.49
CA ARG C 82 19.38 26.82 -1.04
C ARG C 82 18.10 26.27 -0.43
N ARG C 83 17.91 26.52 0.86
CA ARG C 83 16.86 25.86 1.62
C ARG C 83 15.61 26.71 1.76
N SER C 84 15.63 27.94 1.25
CA SER C 84 14.46 28.80 1.32
C SER C 84 13.30 28.15 0.58
N ARG C 85 12.16 28.05 1.26
CA ARG C 85 11.00 27.37 0.74
C ARG C 85 10.14 28.26 -0.14
N LYS C 86 10.55 29.51 -0.37
CA LYS C 86 9.78 30.43 -1.20
C LYS C 86 9.58 29.86 -2.61
N LEU C 87 8.42 30.18 -3.20
CA LEU C 87 8.01 29.66 -4.49
C LEU C 87 8.15 30.75 -5.55
N LYS C 88 9.12 30.58 -6.46
CA LYS C 88 9.24 31.48 -7.60
C LYS C 88 8.25 31.06 -8.68
N GLU C 89 7.50 32.03 -9.21
CA GLU C 89 6.53 31.81 -10.27
C GLU C 89 6.92 32.60 -11.51
N VAL C 90 6.64 32.04 -12.68
CA VAL C 90 7.31 32.43 -13.92
C VAL C 90 6.38 32.18 -15.10
N ARG C 91 6.56 32.96 -16.17
CA ARG C 91 5.80 32.77 -17.41
C ARG C 91 6.76 32.85 -18.60
N LEU C 92 6.79 31.80 -19.42
CA LEU C 92 7.68 31.72 -20.57
C LEU C 92 6.89 31.68 -21.88
N ASP C 93 7.47 32.29 -22.93
CA ASP C 93 6.80 32.44 -24.21
C ASP C 93 7.11 31.27 -25.14
N ARG C 94 6.08 30.75 -25.81
CA ARG C 94 6.26 29.59 -26.68
C ARG C 94 7.23 29.89 -27.79
N LEU C 95 6.99 30.97 -28.54
CA LEU C 95 7.85 31.29 -29.66
C LEU C 95 8.82 32.36 -29.18
N HIS C 96 10.01 31.89 -28.85
CA HIS C 96 11.30 32.51 -28.77
C HIS C 96 12.13 31.58 -29.65
N PRO C 97 12.99 32.11 -30.53
CA PRO C 97 13.55 31.23 -31.57
C PRO C 97 14.16 29.95 -31.03
N GLU C 98 14.82 30.01 -29.87
CA GLU C 98 15.41 28.83 -29.25
C GLU C 98 14.56 28.26 -28.12
N GLY C 99 13.37 28.81 -27.88
CA GLY C 99 12.42 28.13 -27.01
C GLY C 99 12.54 28.41 -25.53
N LEU C 100 12.14 27.45 -24.70
CA LEU C 100 12.20 27.67 -23.26
C LEU C 100 13.63 27.61 -22.76
N GLY C 101 14.44 26.70 -23.29
CA GLY C 101 15.81 26.59 -22.85
C GLY C 101 15.95 25.96 -21.48
N LEU C 102 15.27 24.85 -21.27
CA LEU C 102 15.48 24.03 -20.08
C LEU C 102 15.21 22.59 -20.45
N SER C 103 15.71 21.68 -19.62
CA SER C 103 15.48 20.25 -19.77
C SER C 103 14.99 19.71 -18.43
N VAL C 104 14.18 18.67 -18.50
CA VAL C 104 13.30 18.31 -17.39
C VAL C 104 13.18 16.80 -17.29
N ARG C 105 13.23 16.28 -16.07
CA ARG C 105 13.11 14.84 -15.83
C ARG C 105 12.27 14.57 -14.59
N GLY C 106 11.72 13.36 -14.53
CA GLY C 106 10.86 12.92 -13.44
C GLY C 106 9.40 12.83 -13.86
N GLY C 107 8.57 12.45 -12.89
CA GLY C 107 7.14 12.33 -13.11
C GLY C 107 6.55 11.23 -12.24
N LEU C 108 5.21 11.14 -12.27
CA LEU C 108 4.49 10.27 -11.35
C LEU C 108 4.90 8.81 -11.53
N GLU C 109 5.18 8.39 -12.78
CA GLU C 109 5.53 6.99 -12.99
C GLU C 109 6.86 6.62 -12.33
N PHE C 110 7.67 7.60 -11.95
CA PHE C 110 8.91 7.39 -11.20
C PHE C 110 8.78 7.66 -9.71
N GLY C 111 7.59 8.04 -9.23
CA GLY C 111 7.41 8.31 -7.82
C GLY C 111 8.21 9.48 -7.32
N CYS C 112 8.58 10.40 -8.19
CA CYS C 112 9.28 11.61 -7.78
C CYS C 112 8.72 12.77 -8.58
N GLY C 113 8.99 13.97 -8.10
CA GLY C 113 8.52 15.15 -8.79
C GLY C 113 9.29 15.41 -10.06
N LEU C 114 9.19 16.63 -10.58
CA LEU C 114 9.74 16.96 -11.89
C LEU C 114 10.74 18.11 -11.78
N PHE C 115 11.99 17.85 -12.16
CA PHE C 115 13.10 18.72 -11.85
C PHE C 115 13.76 19.27 -13.12
N ILE C 116 14.25 20.50 -13.03
CA ILE C 116 15.01 21.09 -14.12
C ILE C 116 16.40 20.49 -14.04
N SER C 117 16.77 19.70 -15.04
CA SER C 117 18.06 19.03 -15.06
C SER C 117 19.11 19.72 -15.92
N HIS C 118 18.70 20.64 -16.79
CA HIS C 118 19.65 21.34 -17.63
C HIS C 118 19.06 22.69 -17.99
N LEU C 119 19.92 23.68 -18.07
CA LEU C 119 19.51 25.05 -18.29
C LEU C 119 20.44 25.67 -19.31
N ILE C 120 19.89 26.10 -20.44
CA ILE C 120 20.71 26.73 -21.47
C ILE C 120 21.16 28.08 -20.94
N LYS C 121 22.48 28.28 -20.88
CA LYS C 121 23.01 29.54 -20.40
C LYS C 121 22.62 30.65 -21.38
N GLY C 122 21.97 31.69 -20.86
CA GLY C 122 21.52 32.79 -21.68
C GLY C 122 20.15 32.60 -22.32
N GLY C 123 19.57 31.42 -22.20
CA GLY C 123 18.22 31.18 -22.69
C GLY C 123 17.17 31.88 -21.84
N GLN C 124 15.90 31.62 -22.18
CA GLN C 124 14.81 32.36 -21.56
C GLN C 124 14.57 31.89 -20.13
N ALA C 125 14.71 30.59 -19.87
CA ALA C 125 14.62 30.10 -18.50
C ALA C 125 15.69 30.72 -17.63
N ASP C 126 16.87 30.96 -18.21
CA ASP C 126 17.94 31.64 -17.47
C ASP C 126 17.62 33.11 -17.29
N SER C 127 17.08 33.76 -18.32
CA SER C 127 16.69 35.15 -18.22
C SER C 127 15.83 35.40 -16.99
N VAL C 128 15.00 34.41 -16.64
CA VAL C 128 13.96 34.60 -15.65
C VAL C 128 14.36 34.07 -14.26
N GLY C 129 15.50 33.40 -14.14
CA GLY C 129 15.98 32.97 -12.84
C GLY C 129 15.63 31.57 -12.41
N LEU C 130 15.09 30.73 -13.31
CA LEU C 130 15.03 29.31 -13.05
C LEU C 130 16.44 28.74 -12.99
N GLN C 131 16.60 27.61 -12.30
CA GLN C 131 17.92 27.04 -12.03
C GLN C 131 17.84 25.52 -12.00
N VAL C 132 18.92 24.89 -12.49
CA VAL C 132 19.05 23.44 -12.39
C VAL C 132 18.97 23.00 -10.93
N GLY C 133 18.08 22.06 -10.65
CA GLY C 133 17.79 21.65 -9.29
C GLY C 133 16.53 22.25 -8.71
N ASP C 134 15.82 23.05 -9.49
CA ASP C 134 14.48 23.49 -9.12
C ASP C 134 13.48 22.37 -9.35
N GLU C 135 12.60 22.15 -8.39
CA GLU C 135 11.46 21.27 -8.62
C GLU C 135 10.31 22.10 -9.17
N ILE C 136 9.79 21.71 -10.33
CA ILE C 136 8.63 22.39 -10.89
C ILE C 136 7.41 21.84 -10.16
N VAL C 137 6.77 22.69 -9.37
CA VAL C 137 5.61 22.28 -8.59
C VAL C 137 4.31 22.43 -9.37
N ARG C 138 4.18 23.53 -10.12
CA ARG C 138 2.95 23.87 -10.78
C ARG C 138 3.20 24.22 -12.25
N ILE C 139 2.19 23.97 -13.07
CA ILE C 139 2.18 24.42 -14.46
C ILE C 139 0.78 24.93 -14.80
N ASN C 140 0.73 26.11 -15.41
CA ASN C 140 -0.52 26.77 -15.81
C ASN C 140 -1.52 26.80 -14.64
N GLY C 141 -0.97 26.90 -13.43
CA GLY C 141 -1.76 26.91 -12.22
C GLY C 141 -2.09 25.55 -11.62
N TYR C 142 -1.78 24.44 -12.28
CA TYR C 142 -2.16 23.13 -11.77
C TYR C 142 -0.99 22.45 -11.07
N SER C 143 -1.25 21.88 -9.90
CA SER C 143 -0.33 20.91 -9.33
C SER C 143 -0.14 19.74 -10.30
N ILE C 144 1.11 19.32 -10.47
CA ILE C 144 1.41 18.24 -11.41
C ILE C 144 1.60 16.89 -10.73
N SER C 145 1.34 16.78 -9.43
CA SER C 145 1.77 15.60 -8.69
C SER C 145 1.14 14.30 -9.18
N SER C 146 0.05 14.36 -9.94
CA SER C 146 -0.55 13.17 -10.52
C SER C 146 -0.23 13.00 -12.01
N CYS C 147 0.59 13.88 -12.59
CA CYS C 147 0.94 13.79 -13.99
C CYS C 147 2.12 12.87 -14.23
N THR C 148 1.99 11.98 -15.22
CA THR C 148 3.17 11.32 -15.76
C THR C 148 4.06 12.35 -16.46
N HIS C 149 5.31 11.96 -16.69
CA HIS C 149 6.23 12.82 -17.41
C HIS C 149 5.63 13.32 -18.73
N GLU C 150 5.15 12.39 -19.58
CA GLU C 150 4.65 12.82 -20.88
C GLU C 150 3.44 13.73 -20.74
N GLU C 151 2.61 13.52 -19.71
CA GLU C 151 1.46 14.37 -19.48
C GLU C 151 1.88 15.81 -19.18
N VAL C 152 2.93 15.99 -18.37
CA VAL C 152 3.40 17.32 -18.03
C VAL C 152 3.88 18.05 -19.27
N ILE C 153 4.71 17.37 -20.07
CA ILE C 153 5.15 17.92 -21.35
C ILE C 153 3.95 18.33 -22.19
N ASN C 154 2.90 17.49 -22.23
CA ASN C 154 1.69 17.83 -22.97
C ASN C 154 1.07 19.11 -22.43
N LEU C 155 1.03 19.24 -21.11
CA LEU C 155 0.32 20.36 -20.51
C LEU C 155 1.13 21.65 -20.66
N ILE C 156 2.46 21.54 -20.65
CA ILE C 156 3.30 22.70 -20.90
C ILE C 156 3.06 23.25 -22.29
N ARG C 157 2.73 22.38 -23.24
CA ARG C 157 2.60 22.76 -24.64
C ARG C 157 1.16 23.11 -25.02
N THR C 158 0.24 23.15 -24.06
CA THR C 158 -1.17 23.36 -24.40
C THR C 158 -1.45 24.79 -24.87
N LYS C 159 -0.68 25.77 -24.44
CA LYS C 159 -1.01 27.16 -24.71
C LYS C 159 0.19 27.88 -25.33
N LYS C 160 0.00 29.19 -25.55
CA LYS C 160 1.07 30.01 -26.13
C LYS C 160 2.14 30.32 -25.09
N THR C 161 1.78 30.44 -23.84
CA THR C 161 2.75 30.64 -22.78
C THR C 161 2.54 29.57 -21.73
N VAL C 162 3.54 29.38 -20.88
CA VAL C 162 3.46 28.41 -19.80
C VAL C 162 3.77 29.10 -18.48
N SER C 163 2.84 28.98 -17.54
CA SER C 163 3.04 29.44 -16.16
C SER C 163 3.76 28.34 -15.38
N ILE C 164 4.89 28.68 -14.80
CA ILE C 164 5.72 27.73 -14.07
C ILE C 164 5.93 28.25 -12.67
N LYS C 165 5.59 27.45 -11.67
CA LYS C 165 5.85 27.77 -10.28
C LYS C 165 6.84 26.73 -9.74
N VAL C 166 7.84 27.19 -9.00
CA VAL C 166 9.05 26.41 -8.76
C VAL C 166 9.49 26.58 -7.30
N ARG C 167 9.94 25.48 -6.72
CA ARG C 167 10.49 25.45 -5.38
C ARG C 167 11.91 24.91 -5.48
N HIS C 168 12.87 25.63 -4.92
CA HIS C 168 14.27 25.23 -5.08
C HIS C 168 14.60 24.10 -4.11
N ILE C 169 15.00 22.96 -4.67
CA ILE C 169 15.34 21.77 -3.92
C ILE C 169 16.86 21.60 -3.85
N GLY C 170 17.51 21.51 -5.00
CA GLY C 170 18.94 21.30 -5.05
C GLY C 170 19.39 19.87 -5.31
N LEU C 171 18.46 18.96 -5.61
CA LEU C 171 18.78 17.56 -5.90
C LEU C 171 18.14 17.14 -7.23
N ILE C 172 18.87 16.37 -8.00
CA ILE C 172 18.44 15.87 -9.30
C ILE C 172 18.18 14.37 -9.16
N PRO C 173 17.03 13.87 -9.63
CA PRO C 173 16.81 12.42 -9.54
C PRO C 173 17.62 11.69 -10.60
N VAL C 174 18.15 10.53 -10.23
CA VAL C 174 19.08 9.77 -11.05
C VAL C 174 18.58 8.34 -11.06
N LYS C 175 18.19 7.86 -12.25
CA LYS C 175 18.04 6.43 -12.50
C LYS C 175 18.50 6.18 -13.93
N SER C 176 19.60 5.47 -14.11
CA SER C 176 20.16 5.41 -15.45
C SER C 176 19.55 4.31 -16.32
N SER C 177 18.89 3.32 -15.72
CA SER C 177 18.26 2.23 -16.43
C SER C 177 17.10 1.67 -15.61
N PRO C 178 16.14 0.98 -16.26
CA PRO C 178 14.93 0.53 -15.51
C PRO C 178 15.22 -0.38 -14.33
N ASP C 179 16.26 -1.21 -14.43
CA ASP C 179 16.72 -2.06 -13.34
C ASP C 179 17.06 -1.30 -12.07
N GLU C 180 17.51 -0.06 -12.20
CA GLU C 180 18.14 0.62 -11.08
C GLU C 180 17.11 1.32 -10.19
N PRO C 181 17.37 1.37 -8.89
CA PRO C 181 16.50 2.13 -7.99
C PRO C 181 16.76 3.61 -8.16
N LEU C 182 15.71 4.40 -8.01
CA LEU C 182 15.88 5.84 -8.10
C LEU C 182 16.62 6.37 -6.87
N THR C 183 17.64 7.19 -7.11
CA THR C 183 18.38 7.90 -6.08
C THR C 183 18.65 9.31 -6.55
N TRP C 184 19.37 10.08 -5.74
CA TRP C 184 19.46 11.53 -5.93
C TRP C 184 20.90 12.00 -5.89
N GLN C 185 21.14 13.14 -6.55
CA GLN C 185 22.46 13.76 -6.57
C GLN C 185 22.33 15.26 -6.49
N TYR C 186 23.30 15.89 -5.82
CA TYR C 186 23.38 17.34 -5.78
C TYR C 186 23.73 17.89 -7.16
N VAL C 187 23.44 19.17 -7.36
CA VAL C 187 23.54 19.75 -8.70
C VAL C 187 24.99 19.80 -9.14
N ASP C 188 25.88 20.28 -8.27
CA ASP C 188 27.29 20.41 -8.62
C ASP C 188 27.82 19.10 -9.19
N GLN C 189 27.35 17.97 -8.66
CA GLN C 189 27.79 16.67 -9.14
C GLN C 189 27.11 16.29 -10.45
N PHE C 190 25.78 16.44 -10.52
CA PHE C 190 25.02 15.95 -11.66
C PHE C 190 25.48 16.59 -12.96
N VAL C 191 25.89 17.87 -12.93
CA VAL C 191 26.33 18.53 -14.14
C VAL C 191 27.63 17.92 -14.66
N SER C 192 28.48 17.40 -13.77
CA SER C 192 29.67 16.69 -14.21
C SER C 192 29.32 15.36 -14.86
N GLU C 193 28.39 14.62 -14.25
CA GLU C 193 28.01 13.30 -14.75
C GLU C 193 27.37 13.37 -16.14
N SER C 194 26.83 14.51 -16.53
CA SER C 194 26.13 14.65 -17.80
C SER C 194 27.07 14.45 -18.98
N VAL D 7 -9.99 23.33 -3.33
CA VAL D 7 -8.53 23.28 -3.24
C VAL D 7 -8.00 23.14 -4.69
N ASP D 8 -7.31 22.04 -5.03
CA ASP D 8 -6.73 21.92 -6.36
C ASP D 8 -7.67 21.20 -7.32
N ALA D 9 -7.23 21.13 -8.58
CA ALA D 9 -7.93 20.33 -9.56
C ALA D 9 -7.76 18.85 -9.21
N THR D 10 -8.84 18.09 -9.41
CA THR D 10 -8.76 16.64 -9.27
C THR D 10 -7.78 16.08 -10.29
N PRO D 11 -7.25 14.88 -10.04
CA PRO D 11 -6.36 14.25 -11.04
C PRO D 11 -7.00 14.11 -12.43
N LEU D 12 -8.30 13.84 -12.49
CA LEU D 12 -9.01 13.84 -13.77
C LEU D 12 -8.88 15.19 -14.47
N GLU D 13 -9.16 16.28 -13.76
CA GLU D 13 -9.12 17.58 -14.42
C GLU D 13 -7.75 17.85 -15.03
N VAL D 14 -6.68 17.69 -14.25
CA VAL D 14 -5.34 17.95 -14.77
C VAL D 14 -5.07 17.05 -15.96
N PHE D 15 -5.46 15.78 -15.83
CA PHE D 15 -5.35 14.85 -16.94
C PHE D 15 -5.97 15.41 -18.21
N LEU D 16 -7.30 15.65 -18.21
CA LEU D 16 -7.97 16.19 -19.41
C LEU D 16 -7.34 17.50 -19.86
N GLN D 17 -7.02 18.37 -18.91
CA GLN D 17 -6.38 19.64 -19.26
C GLN D 17 -5.10 19.39 -20.06
N SER D 18 -4.25 18.49 -19.56
CA SER D 18 -3.02 18.16 -20.27
C SER D 18 -3.26 17.73 -21.72
N GLN D 19 -4.41 17.14 -22.00
CA GLN D 19 -4.69 16.49 -23.29
C GLN D 19 -5.53 17.33 -24.23
N HIS D 20 -5.85 18.57 -23.85
CA HIS D 20 -6.81 19.41 -24.58
C HIS D 20 -8.21 18.83 -24.53
N LEU D 21 -8.51 18.03 -23.52
CA LEU D 21 -9.81 17.40 -23.40
C LEU D 21 -10.72 18.06 -22.38
N GLU D 22 -10.32 19.23 -21.86
CA GLU D 22 -11.03 19.85 -20.75
C GLU D 22 -12.51 19.99 -21.04
N GLU D 23 -12.90 20.07 -22.31
CA GLU D 23 -14.31 20.24 -22.60
C GLU D 23 -15.17 19.08 -22.11
N PHE D 24 -14.60 17.94 -21.74
CA PHE D 24 -15.38 16.79 -21.27
C PHE D 24 -15.46 16.67 -19.75
N LEU D 25 -14.90 17.60 -19.00
CA LEU D 25 -15.00 17.48 -17.55
C LEU D 25 -16.45 17.58 -17.05
N PRO D 26 -17.31 18.46 -17.58
CA PRO D 26 -18.69 18.46 -17.08
C PRO D 26 -19.49 17.21 -17.45
N ILE D 27 -19.17 16.52 -18.54
CA ILE D 27 -19.88 15.26 -18.83
C ILE D 27 -19.32 14.11 -18.01
N PHE D 28 -18.00 14.06 -17.82
CA PHE D 28 -17.46 13.01 -16.95
C PHE D 28 -17.96 13.16 -15.53
N MET D 29 -18.19 14.38 -15.07
CA MET D 29 -18.62 14.52 -13.69
C MET D 29 -20.07 14.08 -13.51
N ARG D 30 -20.97 14.44 -14.44
CA ARG D 30 -22.34 14.05 -14.22
C ARG D 30 -22.52 12.55 -14.44
N GLU D 31 -21.58 11.90 -15.11
CA GLU D 31 -21.53 10.44 -15.15
C GLU D 31 -20.72 9.89 -14.00
N GLN D 32 -20.27 10.75 -13.08
CA GLN D 32 -19.50 10.37 -11.90
C GLN D 32 -18.27 9.55 -12.28
N ILE D 33 -17.56 10.05 -13.27
CA ILE D 33 -16.36 9.40 -13.78
C ILE D 33 -15.17 10.12 -13.16
N ASP D 34 -14.54 9.50 -12.17
CA ASP D 34 -13.27 10.05 -11.73
C ASP D 34 -12.18 9.50 -12.64
N LEU D 35 -10.92 9.83 -12.35
CA LEU D 35 -9.86 9.31 -13.20
C LEU D 35 -9.73 7.81 -13.02
N GLU D 36 -10.05 7.31 -11.83
CA GLU D 36 -10.08 5.87 -11.60
C GLU D 36 -11.01 5.20 -12.61
N ALA D 37 -12.24 5.68 -12.68
CA ALA D 37 -13.25 5.07 -13.53
C ALA D 37 -12.93 5.29 -15.00
N LEU D 38 -12.33 6.44 -15.33
CA LEU D 38 -12.01 6.72 -16.74
C LEU D 38 -11.11 5.63 -17.32
N LEU D 39 -10.10 5.20 -16.55
CA LEU D 39 -9.18 4.18 -17.05
C LEU D 39 -9.85 2.82 -17.20
N LEU D 40 -11.00 2.60 -16.57
CA LEU D 40 -11.81 1.40 -16.75
C LEU D 40 -12.75 1.47 -17.95
N CYS D 41 -12.71 2.54 -18.73
CA CYS D 41 -13.65 2.78 -19.81
C CYS D 41 -13.12 2.26 -21.13
N SER D 42 -14.00 1.64 -21.90
CA SER D 42 -13.67 1.17 -23.23
C SER D 42 -14.12 2.18 -24.26
N ASP D 43 -13.71 1.93 -25.51
CA ASP D 43 -14.25 2.72 -26.60
C ASP D 43 -15.78 2.65 -26.61
N GLU D 44 -16.36 1.49 -26.24
CA GLU D 44 -17.81 1.42 -26.28
C GLU D 44 -18.44 2.11 -25.08
N ASP D 45 -17.77 2.08 -23.91
CA ASP D 45 -18.24 2.89 -22.79
C ASP D 45 -18.33 4.36 -23.17
N LEU D 46 -17.34 4.87 -23.91
CA LEU D 46 -17.33 6.28 -24.25
C LEU D 46 -18.27 6.61 -25.40
N GLN D 47 -18.55 5.65 -26.29
CA GLN D 47 -19.65 5.84 -27.23
C GLN D 47 -20.98 5.96 -26.50
N ASN D 48 -21.11 5.30 -25.35
CA ASN D 48 -22.40 5.32 -24.68
C ASN D 48 -22.73 6.70 -24.12
N ILE D 49 -21.70 7.49 -23.78
CA ILE D 49 -21.92 8.86 -23.31
C ILE D 49 -21.78 9.84 -24.46
N HIS D 50 -21.80 9.32 -25.70
CA HIS D 50 -21.86 10.14 -26.93
C HIS D 50 -20.58 10.94 -27.19
N MET D 51 -19.44 10.35 -26.88
CA MET D 51 -18.17 10.94 -27.29
C MET D 51 -17.89 10.58 -28.74
N GLN D 52 -17.59 11.58 -29.57
CA GLN D 52 -17.33 11.34 -30.97
C GLN D 52 -16.01 10.59 -31.15
N LEU D 53 -15.84 9.99 -32.33
CA LEU D 53 -14.68 9.15 -32.61
C LEU D 53 -13.38 9.89 -32.30
N GLY D 54 -13.28 11.16 -32.73
CA GLY D 54 -12.06 11.90 -32.58
C GLY D 54 -11.55 11.98 -31.16
N PRO D 55 -12.38 12.47 -30.25
CA PRO D 55 -11.95 12.52 -28.85
C PRO D 55 -11.80 11.14 -28.22
N ARG D 56 -12.59 10.15 -28.66
CA ARG D 56 -12.41 8.82 -28.08
C ARG D 56 -11.01 8.33 -28.31
N LYS D 57 -10.50 8.48 -29.54
CA LYS D 57 -9.13 8.10 -29.84
C LYS D 57 -8.14 8.89 -28.99
N LYS D 58 -8.33 10.21 -28.85
CA LYS D 58 -7.39 11.01 -28.08
C LYS D 58 -7.41 10.62 -26.61
N VAL D 59 -8.61 10.45 -26.02
CA VAL D 59 -8.70 9.96 -24.65
C VAL D 59 -8.03 8.59 -24.52
N LEU D 60 -8.39 7.65 -25.39
CA LEU D 60 -7.94 6.29 -25.16
C LEU D 60 -6.43 6.19 -25.33
N SER D 61 -5.89 6.92 -26.30
CA SER D 61 -4.44 6.99 -26.46
C SER D 61 -3.80 7.50 -25.18
N ALA D 62 -4.34 8.59 -24.62
CA ALA D 62 -3.79 9.16 -23.40
C ALA D 62 -3.88 8.18 -22.24
N ILE D 63 -4.96 7.40 -22.19
CA ILE D 63 -5.14 6.44 -21.10
C ILE D 63 -4.13 5.32 -21.20
N ASP D 64 -3.84 4.86 -22.41
CA ASP D 64 -2.97 3.70 -22.49
C ASP D 64 -1.52 4.10 -22.28
N LYS D 65 -1.14 5.29 -22.75
CA LYS D 65 0.20 5.81 -22.47
C LYS D 65 0.46 5.84 -20.96
N ARG D 66 -0.52 6.34 -20.20
CA ARG D 66 -0.40 6.40 -18.75
C ARG D 66 -0.40 5.01 -18.12
N LYS D 67 -1.28 4.12 -18.56
CA LYS D 67 -1.30 2.78 -17.97
C LYS D 67 0.03 2.08 -18.17
N GLN D 68 0.63 2.27 -19.35
CA GLN D 68 1.87 1.58 -19.67
C GLN D 68 3.03 2.09 -18.82
N VAL D 69 3.27 3.40 -18.81
CA VAL D 69 4.44 3.90 -18.07
C VAL D 69 4.25 3.81 -16.56
N LEU D 70 3.02 3.63 -16.06
CA LEU D 70 2.88 3.25 -14.66
C LEU D 70 3.26 1.79 -14.44
N GLN D 71 3.08 0.92 -15.44
CA GLN D 71 3.55 -0.46 -15.30
C GLN D 71 5.05 -0.57 -15.52
N GLN D 72 5.57 0.11 -16.55
CA GLN D 72 7.00 0.08 -16.89
C GLN D 72 7.47 1.53 -16.98
N PRO D 73 7.97 2.09 -15.87
CA PRO D 73 8.47 3.47 -15.94
C PRO D 73 9.65 3.67 -16.88
N GLY D 74 10.59 2.71 -16.93
CA GLY D 74 11.80 2.91 -17.70
C GLY D 74 12.79 3.77 -16.93
N GLN D 75 13.84 4.18 -17.64
CA GLN D 75 14.79 5.12 -17.10
C GLN D 75 14.24 6.54 -17.15
N LEU D 76 14.75 7.38 -16.26
CA LEU D 76 14.51 8.82 -16.35
C LEU D 76 15.15 9.40 -17.59
N VAL D 77 14.38 10.14 -18.36
CA VAL D 77 14.89 10.82 -19.54
C VAL D 77 14.80 12.33 -19.33
N ASP D 78 15.69 13.06 -20.00
CA ASP D 78 15.62 14.52 -20.07
C ASP D 78 14.90 14.96 -21.34
N THR D 79 13.83 15.74 -21.16
CA THR D 79 13.08 16.31 -22.27
C THR D 79 13.53 17.76 -22.44
N SER D 80 14.18 18.05 -23.56
CA SER D 80 14.59 19.42 -23.84
C SER D 80 13.40 20.23 -24.30
N LEU D 81 13.22 21.40 -23.72
CA LEU D 81 12.14 22.31 -24.10
C LEU D 81 12.66 23.64 -24.67
CL CL E . -21.90 -8.20 9.19
CL CL F . -4.32 22.14 -9.18
#